data_3JAU
#
_entry.id   3JAU
#
_cell.length_a   1
_cell.length_b   1
_cell.length_c   1
_cell.angle_alpha   90
_cell.angle_beta   90
_cell.angle_gamma   90
#
_symmetry.space_group_name_H-M   'P 1'
#
loop_
_entity.id
_entity.type
_entity.pdbx_description
1 polymer 'Capsid protein VP1'
2 polymer 'Heavy chain of Fab fragment variable region of antibody D5'
3 polymer 'Light chain of Fab fragment variable region of antibody D5'
#
loop_
_entity_poly.entity_id
_entity_poly.type
_entity_poly.pdbx_seq_one_letter_code
_entity_poly.pdbx_strand_id
1 'polypeptide(L)' GYPTFGEHKQEKDLEYG A
2 'polypeptide(L)'
;EVQLQQSGAELVKPGASVKLSCTASGFNIKDTYIHWVKQRPEQGLEWIGKIDPANGNTKYDPKFQDKATITADTSSNTAY
LQLSSLTSEDTAVYYCANSNYWFDFDYWGQGTTLTVS
;
H
3 'polypeptide(L)'
;DVLMTQTPLSLPVSLGDQASISCRSSQSIVHSNGNTYLEWYLQKPGQSPKLLIYKVSNRFSGVPDRFSGSGSGTDFTLKI
SRVEADDVGVYYCYQGSHVPYTFGGGTKLEI
;
L
#
# COMPACT_ATOMS: atom_id res chain seq x y z
N GLY A 1 -19.23 -21.88 9.38
CA GLY A 1 -17.82 -22.17 9.22
C GLY A 1 -17.22 -21.53 7.99
N TYR A 2 -16.00 -21.94 7.67
CA TYR A 2 -15.27 -21.42 6.52
C TYR A 2 -15.06 -22.59 5.58
N PRO A 3 -14.92 -22.33 4.27
CA PRO A 3 -14.71 -23.40 3.30
C PRO A 3 -13.26 -23.86 3.16
N THR A 4 -12.34 -23.10 3.72
CA THR A 4 -10.91 -23.39 3.60
C THR A 4 -10.12 -23.11 4.86
N PHE A 5 -8.94 -23.70 4.93
CA PHE A 5 -8.04 -23.49 6.06
C PHE A 5 -7.24 -22.21 5.83
N GLY A 6 -6.58 -21.72 6.89
CA GLY A 6 -5.76 -20.53 6.79
C GLY A 6 -6.13 -19.40 7.73
N GLU A 7 -5.49 -18.24 7.57
CA GLU A 7 -5.80 -17.09 8.40
C GLU A 7 -7.07 -16.55 7.80
N HIS A 8 -8.02 -16.17 8.65
CA HIS A 8 -9.26 -15.65 8.11
C HIS A 8 -9.36 -14.17 8.32
N LYS A 9 -8.54 -13.46 7.52
CA LYS A 9 -8.44 -12.02 7.57
C LYS A 9 -9.64 -11.32 6.93
N GLN A 10 -9.74 -10.00 7.13
CA GLN A 10 -10.83 -9.19 6.61
C GLN A 10 -11.23 -9.47 5.17
N GLU A 11 -10.25 -9.48 4.27
CA GLU A 11 -10.52 -9.74 2.86
C GLU A 11 -11.31 -11.03 2.66
N LYS A 12 -10.87 -12.10 3.31
CA LYS A 12 -11.53 -13.39 3.21
C LYS A 12 -12.52 -13.61 4.37
N ASP A 13 -13.52 -12.73 4.45
CA ASP A 13 -14.55 -12.81 5.48
C ASP A 13 -15.84 -12.88 4.71
N LEU A 14 -15.72 -12.69 3.41
CA LEU A 14 -16.88 -12.74 2.55
C LEU A 14 -17.15 -14.23 2.38
N GLU A 15 -16.20 -15.05 2.78
CA GLU A 15 -16.39 -16.48 2.63
C GLU A 15 -16.91 -17.21 3.86
N TYR A 16 -17.24 -16.46 4.90
CA TYR A 16 -17.79 -17.08 6.10
C TYR A 16 -19.21 -17.57 5.76
N GLY A 17 -19.43 -18.87 5.94
CA GLY A 17 -20.73 -19.45 5.67
C GLY A 17 -20.89 -19.98 4.26
N GLU B 1 -8.74 5.33 15.30
CA GLU B 1 -9.11 4.44 14.21
C GLU B 1 -8.00 3.48 13.83
N VAL B 2 -7.01 3.89 13.00
CA VAL B 2 -5.78 3.26 12.64
C VAL B 2 -4.77 4.39 12.79
N GLN B 3 -3.72 4.26 13.63
CA GLN B 3 -2.60 5.20 13.52
C GLN B 3 -1.35 4.37 13.43
N LEU B 4 -0.46 4.62 12.38
CA LEU B 4 0.80 3.92 12.32
C LEU B 4 1.86 4.98 12.54
N GLN B 5 2.61 4.90 13.66
CA GLN B 5 3.71 5.70 14.04
C GLN B 5 5.00 5.01 13.81
N GLN B 6 5.67 5.46 12.78
CA GLN B 6 6.99 5.01 12.31
C GLN B 6 8.03 5.82 12.92
N SER B 7 9.34 5.29 12.99
CA SER B 7 10.63 5.93 13.28
C SER B 7 10.94 6.93 12.25
N GLY B 8 11.85 7.81 12.63
CA GLY B 8 12.38 8.81 11.87
C GLY B 8 13.47 8.29 11.04
N ALA B 9 14.10 9.18 10.26
CA ALA B 9 15.28 9.02 9.43
C ALA B 9 16.48 8.50 10.19
N GLU B 10 17.18 7.49 9.63
CA GLU B 10 18.43 6.98 10.29
C GLU B 10 19.50 6.95 9.21
N LEU B 11 20.82 7.13 9.55
CA LEU B 11 21.95 7.36 8.60
C LEU B 11 23.04 6.35 9.05
N VAL B 12 23.27 5.36 8.11
CA VAL B 12 24.00 4.12 8.54
C VAL B 12 24.93 3.82 7.44
N LYS B 13 25.71 2.75 7.64
CA LYS B 13 26.76 2.32 6.73
C LYS B 13 26.38 0.88 6.38
N PRO B 14 26.96 0.40 5.23
CA PRO B 14 26.53 -0.83 4.65
C PRO B 14 27.14 -1.99 5.38
N GLY B 15 26.56 -3.21 5.26
CA GLY B 15 27.06 -4.41 5.92
C GLY B 15 26.62 -4.46 7.40
N ALA B 16 25.73 -3.50 7.67
CA ALA B 16 24.99 -3.35 8.95
C ALA B 16 23.69 -4.11 8.83
N SER B 17 22.97 -4.25 9.99
CA SER B 17 21.57 -4.72 10.08
C SER B 17 20.75 -3.79 10.94
N VAL B 18 19.70 -3.30 10.28
CA VAL B 18 18.91 -2.25 10.81
C VAL B 18 17.52 -2.71 10.69
N LYS B 19 16.80 -2.58 11.88
CA LYS B 19 15.42 -2.99 12.02
C LYS B 19 14.61 -1.75 12.03
N LEU B 20 13.77 -1.57 10.99
CA LEU B 20 12.88 -0.38 11.05
C LEU B 20 11.62 -0.72 11.75
N SER B 21 11.12 0.23 12.61
CA SER B 21 10.05 0.07 13.53
C SER B 21 8.84 0.76 13.06
N CYS B 22 7.74 0.04 13.21
CA CYS B 22 6.44 0.57 12.86
C CYS B 22 5.55 0.15 14.03
N THR B 23 5.24 1.24 14.90
CA THR B 23 4.45 1.17 16.13
C THR B 23 2.97 1.28 15.75
N ALA B 24 2.16 0.21 16.17
CA ALA B 24 0.75 0.33 16.11
C ALA B 24 0.21 1.16 17.22
N SER B 25 -0.82 1.94 16.94
CA SER B 25 -1.58 2.81 17.85
C SER B 25 -3.01 2.76 17.43
N GLY B 26 -3.83 2.34 18.42
CA GLY B 26 -5.22 2.43 18.32
C GLY B 26 -5.67 1.09 17.88
N PHE B 27 -4.80 0.05 17.85
CA PHE B 27 -5.19 -1.25 17.45
C PHE B 27 -4.24 -2.29 17.96
N ASN B 28 -4.75 -3.58 18.13
CA ASN B 28 -3.92 -4.63 18.43
C ASN B 28 -3.42 -5.09 17.15
N ILE B 29 -2.16 -5.64 17.02
CA ILE B 29 -1.45 -5.69 15.78
C ILE B 29 -1.64 -7.07 15.27
N LYS B 30 -2.49 -7.96 15.86
CA LYS B 30 -2.60 -9.36 15.53
C LYS B 30 -3.96 -9.45 14.74
N ASP B 31 -4.76 -8.37 14.44
CA ASP B 31 -6.06 -8.42 13.79
C ASP B 31 -5.93 -7.87 12.43
N THR B 32 -4.71 -7.71 11.97
CA THR B 32 -4.55 -6.93 10.77
C THR B 32 -3.28 -7.35 10.04
N TYR B 33 -3.04 -6.87 8.83
CA TYR B 33 -1.81 -6.97 8.11
C TYR B 33 -0.91 -5.84 8.66
N ILE B 34 0.36 -6.24 8.71
CA ILE B 34 1.48 -5.34 8.54
C ILE B 34 1.99 -5.64 7.14
N HIS B 35 2.13 -4.69 6.25
CA HIS B 35 2.71 -4.72 4.93
C HIS B 35 3.85 -3.78 5.21
N TRP B 36 4.90 -4.04 4.39
CA TRP B 36 5.95 -3.07 4.18
C TRP B 36 5.92 -2.89 2.71
N VAL B 37 6.05 -1.60 2.33
CA VAL B 37 6.09 -1.14 0.93
C VAL B 37 7.36 -0.26 0.96
N LYS B 38 8.25 -0.50 -0.03
CA LYS B 38 9.45 0.16 -0.27
C LYS B 38 9.17 1.24 -1.30
N GLN B 39 9.92 2.37 -1.20
CA GLN B 39 9.97 3.34 -2.28
C GLN B 39 11.35 3.92 -2.26
N ARG B 40 12.16 3.49 -3.20
CA ARG B 40 13.40 4.15 -3.64
C ARG B 40 13.05 5.42 -4.33
N PRO B 41 13.84 6.51 -4.40
CA PRO B 41 13.66 7.56 -5.47
C PRO B 41 13.64 7.00 -6.89
N GLU B 42 14.36 6.01 -7.19
CA GLU B 42 14.40 5.43 -8.53
C GLU B 42 13.32 4.38 -8.67
N GLN B 43 12.28 4.29 -7.83
CA GLN B 43 11.17 3.25 -7.96
C GLN B 43 9.84 3.93 -7.59
N GLY B 44 8.69 3.28 -7.85
CA GLY B 44 7.38 3.73 -7.51
C GLY B 44 7.09 3.15 -6.14
N LEU B 45 6.05 2.33 -5.97
CA LEU B 45 5.84 1.63 -4.73
C LEU B 45 5.89 0.15 -4.94
N GLU B 46 6.70 -0.62 -4.02
CA GLU B 46 7.07 -1.94 -4.29
C GLU B 46 6.74 -2.71 -3.02
N TRP B 47 5.73 -3.62 -3.03
CA TRP B 47 5.38 -4.43 -1.93
C TRP B 47 6.46 -5.36 -1.53
N ILE B 48 6.93 -5.43 -0.28
CA ILE B 48 8.04 -6.23 0.23
C ILE B 48 7.54 -7.56 0.59
N GLY B 49 6.49 -7.56 1.43
CA GLY B 49 6.02 -8.70 2.14
C GLY B 49 4.99 -8.24 3.05
N LYS B 50 4.54 -9.20 3.83
CA LYS B 50 3.53 -8.95 4.83
C LYS B 50 3.88 -9.84 5.91
N ILE B 51 3.49 -9.49 7.12
CA ILE B 51 3.63 -10.27 8.31
C ILE B 51 2.25 -10.08 8.96
N ASP B 52 1.72 -11.17 9.44
CA ASP B 52 0.65 -11.19 10.40
C ASP B 52 1.31 -11.68 11.70
N PRO B 53 1.50 -10.68 12.58
CA PRO B 53 2.11 -11.04 13.89
C PRO B 53 1.41 -12.18 14.63
N ALA B 54 0.09 -12.33 14.30
CA ALA B 54 -0.82 -13.23 15.02
C ALA B 54 -0.33 -14.63 15.07
N ASN B 55 0.22 -15.23 13.96
CA ASN B 55 0.69 -16.61 14.01
C ASN B 55 1.94 -16.67 13.14
N GLY B 56 2.67 -15.51 13.03
CA GLY B 56 4.00 -15.52 12.54
C GLY B 56 4.10 -15.53 11.00
N ASN B 57 2.89 -15.56 10.36
CA ASN B 57 2.85 -15.89 8.98
C ASN B 57 3.26 -14.77 8.10
N THR B 58 4.17 -15.09 7.18
CA THR B 58 4.74 -14.16 6.29
C THR B 58 4.60 -14.65 4.85
N LYS B 59 4.48 -13.62 3.97
CA LYS B 59 4.46 -13.87 2.57
C LYS B 59 5.36 -12.79 1.96
N TYR B 60 6.09 -13.15 0.89
CA TYR B 60 7.21 -12.40 0.39
C TYR B 60 7.02 -12.10 -1.08
N ASP B 61 7.60 -10.96 -1.46
CA ASP B 61 8.07 -10.74 -2.82
C ASP B 61 9.49 -11.43 -2.81
N PRO B 62 9.69 -12.51 -3.56
CA PRO B 62 11.00 -13.17 -3.74
C PRO B 62 12.17 -12.31 -4.05
N LYS B 63 11.98 -11.16 -4.78
CA LYS B 63 13.06 -10.26 -5.19
C LYS B 63 13.82 -9.65 -3.94
N PHE B 64 13.00 -9.20 -2.92
CA PHE B 64 13.60 -8.54 -1.80
C PHE B 64 13.66 -9.51 -0.66
N GLN B 65 13.35 -10.81 -0.94
CA GLN B 65 13.19 -11.73 0.19
C GLN B 65 14.59 -12.11 0.57
N ASP B 66 14.87 -12.15 1.88
CA ASP B 66 16.06 -12.64 2.47
C ASP B 66 17.23 -11.68 2.26
N LYS B 67 16.82 -10.41 2.05
CA LYS B 67 17.59 -9.16 2.12
C LYS B 67 16.84 -8.49 3.20
N ALA B 68 15.46 -8.69 3.22
CA ALA B 68 14.51 -8.17 4.15
C ALA B 68 14.19 -9.36 4.96
N THR B 69 14.18 -9.28 6.31
CA THR B 69 13.67 -10.27 7.16
C THR B 69 12.68 -9.59 7.96
N ILE B 70 11.46 -10.10 7.94
CA ILE B 70 10.36 -9.40 8.56
C ILE B 70 10.01 -10.14 9.80
N THR B 71 9.97 -9.44 10.96
CA THR B 71 9.69 -9.87 12.30
C THR B 71 8.86 -8.91 13.01
N ALA B 72 8.51 -9.14 14.33
CA ALA B 72 7.56 -8.36 15.04
C ALA B 72 7.75 -8.57 16.51
N ASP B 73 7.54 -7.49 17.28
CA ASP B 73 7.63 -7.63 18.73
C ASP B 73 6.11 -7.75 18.91
N THR B 74 5.66 -8.97 19.24
CA THR B 74 4.20 -9.28 19.16
C THR B 74 3.34 -8.60 20.15
N SER B 75 3.75 -8.54 21.49
CA SER B 75 2.95 -8.05 22.59
C SER B 75 3.14 -6.54 22.61
N SER B 76 4.32 -5.88 22.14
CA SER B 76 4.56 -4.47 22.29
C SER B 76 3.90 -3.70 21.13
N ASN B 77 3.40 -4.49 20.12
CA ASN B 77 2.50 -3.98 19.14
C ASN B 77 3.31 -3.29 18.11
N THR B 78 4.61 -3.68 17.92
CA THR B 78 5.45 -2.96 17.04
C THR B 78 6.08 -3.93 16.02
N ALA B 79 5.83 -3.73 14.75
CA ALA B 79 6.32 -4.64 13.66
C ALA B 79 7.68 -4.16 13.20
N TYR B 80 8.50 -5.11 12.71
CA TYR B 80 9.88 -4.69 12.41
C TYR B 80 10.41 -5.27 11.12
N LEU B 81 11.01 -4.39 10.30
CA LEU B 81 11.51 -4.75 8.97
C LEU B 81 12.94 -4.79 9.14
N GLN B 82 13.57 -6.03 9.30
CA GLN B 82 14.99 -6.17 9.55
C GLN B 82 15.71 -6.23 8.17
N LEU B 83 16.41 -5.17 7.70
CA LEU B 83 17.00 -5.05 6.44
C LEU B 83 18.45 -5.28 6.61
N SER B 84 18.91 -6.43 6.21
CA SER B 84 20.10 -7.08 6.69
C SER B 84 21.06 -7.08 5.47
N SER B 85 22.40 -6.96 5.75
CA SER B 85 23.49 -7.07 4.82
C SER B 85 23.36 -6.08 3.66
N LEU B 86 23.33 -4.79 3.97
CA LEU B 86 22.79 -3.72 3.04
C LEU B 86 23.66 -3.53 1.75
N THR B 87 23.06 -3.04 0.66
CA THR B 87 23.65 -2.57 -0.56
C THR B 87 22.95 -1.29 -0.71
N SER B 88 23.14 -0.72 -1.91
CA SER B 88 22.66 0.56 -2.37
C SER B 88 21.17 0.58 -2.46
N GLU B 89 20.53 -0.57 -2.53
CA GLU B 89 19.08 -0.68 -2.75
C GLU B 89 18.31 -0.40 -1.45
N ASP B 90 19.01 -0.44 -0.29
CA ASP B 90 18.42 -0.26 1.03
C ASP B 90 18.24 1.20 1.30
N THR B 91 18.80 2.05 0.37
CA THR B 91 18.69 3.47 0.56
C THR B 91 17.34 3.77 -0.04
N ALA B 92 16.34 4.08 0.84
CA ALA B 92 14.97 4.14 0.47
C ALA B 92 14.16 4.60 1.60
N VAL B 93 12.90 5.03 1.30
CA VAL B 93 11.88 5.30 2.24
C VAL B 93 10.92 4.12 2.42
N TYR B 94 10.70 3.75 3.64
CA TYR B 94 9.75 2.67 3.82
C TYR B 94 8.52 3.01 4.42
N TYR B 95 7.41 2.45 3.89
CA TYR B 95 6.04 2.75 4.32
C TYR B 95 5.41 1.51 4.84
N CYS B 96 4.62 1.74 5.93
CA CYS B 96 4.07 0.63 6.64
C CYS B 96 2.51 0.71 6.66
N ALA B 97 1.87 -0.09 5.83
CA ALA B 97 0.44 -0.02 5.69
C ALA B 97 -0.31 -1.08 6.50
N ASN B 98 -1.53 -0.71 7.08
CA ASN B 98 -2.34 -1.51 8.00
C ASN B 98 -3.63 -1.92 7.31
N SER B 99 -3.88 -3.27 7.20
CA SER B 99 -5.15 -3.86 6.88
C SER B 99 -6.41 -3.09 7.20
N ASN B 100 -7.35 -3.09 6.28
CA ASN B 100 -8.59 -2.29 6.29
C ASN B 100 -9.56 -3.25 6.76
N TYR B 101 -10.44 -2.85 7.76
CA TYR B 101 -11.58 -3.68 8.10
C TYR B 101 -12.48 -4.06 6.95
N TRP B 102 -12.27 -3.48 5.71
CA TRP B 102 -12.92 -3.93 4.54
C TRP B 102 -12.09 -5.06 3.96
N PHE B 103 -11.34 -4.73 2.86
CA PHE B 103 -10.82 -5.73 1.98
C PHE B 103 -9.39 -5.42 1.45
N ASP B 104 -8.61 -4.57 2.18
CA ASP B 104 -7.34 -4.14 1.62
C ASP B 104 -6.54 -3.49 2.73
N PHE B 105 -6.12 -2.18 2.66
CA PHE B 105 -5.50 -1.60 3.76
C PHE B 105 -5.78 -0.12 3.84
N ASP B 106 -5.97 0.38 5.09
CA ASP B 106 -6.38 1.80 5.36
C ASP B 106 -5.17 2.36 6.12
N TYR B 107 -4.68 3.59 5.78
CA TYR B 107 -3.63 4.36 6.32
C TYR B 107 -2.30 3.78 6.54
N TRP B 108 -1.31 4.62 6.27
CA TRP B 108 0.07 4.25 6.03
C TRP B 108 0.84 4.98 7.02
N GLY B 109 2.09 4.68 7.18
CA GLY B 109 2.91 5.10 8.29
C GLY B 109 3.23 6.59 8.21
N GLN B 110 4.51 6.88 8.44
CA GLN B 110 4.93 8.28 8.47
C GLN B 110 6.24 8.36 7.70
N GLY B 111 6.70 7.19 7.34
CA GLY B 111 7.93 7.10 6.56
C GLY B 111 9.17 6.86 7.41
N THR B 112 9.90 5.76 7.09
CA THR B 112 11.19 5.59 7.78
C THR B 112 12.20 5.53 6.68
N THR B 113 13.00 6.59 6.67
CA THR B 113 14.01 6.89 5.72
C THR B 113 15.25 6.05 6.26
N LEU B 114 15.75 5.17 5.40
CA LEU B 114 17.01 4.51 5.68
C LEU B 114 17.85 4.95 4.55
N THR B 115 18.82 5.75 4.98
CA THR B 115 19.89 6.30 4.13
C THR B 115 21.18 5.50 4.41
N VAL B 116 21.90 5.03 3.32
CA VAL B 116 23.06 4.21 3.42
C VAL B 116 24.18 4.87 2.70
N SER B 117 25.11 5.41 3.53
CA SER B 117 26.20 6.25 3.10
C SER B 117 27.02 5.57 2.01
N ASP C 1 3.72 -11.41 -11.95
CA ASP C 1 4.03 -9.99 -11.83
C ASP C 1 3.13 -9.16 -12.76
N VAL C 2 2.09 -8.56 -12.19
CA VAL C 2 1.17 -7.74 -12.96
C VAL C 2 1.60 -6.28 -12.95
N LEU C 3 1.96 -5.77 -14.11
CA LEU C 3 2.45 -4.39 -14.23
C LEU C 3 1.30 -3.42 -14.44
N MET C 4 1.09 -2.54 -13.47
CA MET C 4 0.07 -1.50 -13.57
C MET C 4 0.69 -0.15 -13.92
N THR C 5 0.28 0.41 -15.06
CA THR C 5 0.77 1.71 -15.48
C THR C 5 -0.35 2.74 -15.53
N GLN C 6 0.02 4.01 -15.62
CA GLN C 6 -0.95 5.09 -15.58
C GLN C 6 -0.63 6.15 -16.62
N THR C 7 -1.66 6.81 -17.12
CA THR C 7 -1.48 7.95 -18.03
C THR C 7 -2.58 8.98 -17.85
N PRO C 8 -2.20 10.26 -17.88
CA PRO C 8 -0.79 10.63 -17.98
C PRO C 8 -0.09 10.43 -16.65
N LEU C 9 1.22 10.68 -16.65
CA LEU C 9 2.01 10.65 -15.41
C LEU C 9 1.85 11.94 -14.62
N SER C 10 1.40 12.99 -15.30
CA SER C 10 1.07 14.24 -14.63
C SER C 10 -0.15 14.91 -15.28
N LEU C 11 -1.16 15.19 -14.46
CA LEU C 11 -2.43 15.68 -14.96
C LEU C 11 -2.76 17.06 -14.39
N PRO C 12 -2.53 18.09 -15.19
CA PRO C 12 -2.87 19.45 -14.80
C PRO C 12 -4.35 19.72 -15.00
N VAL C 13 -5.01 20.19 -13.94
CA VAL C 13 -6.42 20.58 -14.03
C VAL C 13 -6.66 21.91 -13.34
N SER C 14 -7.84 22.49 -13.56
CA SER C 14 -8.25 23.71 -12.87
C SER C 14 -8.95 23.39 -11.56
N LEU C 15 -9.20 24.43 -10.77
CA LEU C 15 -9.88 24.26 -9.49
C LEU C 15 -11.36 23.96 -9.69
N GLY C 16 -11.81 22.85 -9.11
CA GLY C 16 -13.21 22.45 -9.22
C GLY C 16 -13.46 21.66 -10.50
N ASP C 17 -12.38 21.31 -11.18
CA ASP C 17 -12.47 20.61 -12.46
C ASP C 17 -12.61 19.10 -12.26
N GLN C 18 -12.91 18.39 -13.33
CA GLN C 18 -13.02 16.94 -13.29
C GLN C 18 -11.77 16.27 -13.87
N ALA C 19 -11.11 15.47 -13.05
CA ALA C 19 -9.92 14.75 -13.48
C ALA C 19 -10.23 13.30 -13.82
N SER C 20 -9.54 12.78 -14.83
CA SER C 20 -9.71 11.38 -15.22
C SER C 20 -8.36 10.72 -15.47
N ILE C 21 -7.93 9.89 -14.52
CA ILE C 21 -6.64 9.21 -14.63
C ILE C 21 -6.81 7.79 -15.15
N SER C 22 -6.17 7.50 -16.28
CA SER C 22 -6.34 6.21 -16.95
C SER C 22 -5.27 5.23 -16.53
N CYS C 23 -5.70 4.12 -15.91
CA CYS C 23 -4.77 3.09 -15.47
C CYS C 23 -5.01 1.79 -16.23
N ARG C 24 -3.93 1.06 -16.49
CA ARG C 24 -4.01 -0.18 -17.26
C ARG C 24 -3.01 -1.22 -16.72
N SER C 25 -3.51 -2.41 -16.42
CA SER C 25 -2.66 -3.50 -15.98
C SER C 25 -2.21 -4.37 -17.15
N SER C 26 -1.20 -5.20 -16.92
CA SER C 26 -0.70 -6.11 -17.94
C SER C 26 -1.52 -7.39 -17.98
N GLN C 27 -2.15 -7.72 -16.87
CA GLN C 27 -3.02 -8.89 -16.79
C GLN C 27 -4.26 -8.59 -15.96
N SER C 28 -5.35 -9.31 -16.25
CA SER C 28 -6.60 -9.12 -15.54
C SER C 28 -6.41 -9.26 -14.02
N ILE C 29 -7.00 -8.35 -13.27
CA ILE C 29 -6.80 -8.31 -11.83
C ILE C 29 -8.07 -8.71 -11.08
N VAL C 30 -8.90 -9.50 -11.73
CA VAL C 30 -10.12 -10.02 -11.11
C VAL C 30 -9.81 -11.12 -10.11
N HIS C 31 -10.27 -10.95 -8.88
CA HIS C 31 -9.96 -11.89 -7.81
C HIS C 31 -10.74 -13.19 -7.98
N SER C 32 -10.18 -14.27 -7.43
CA SER C 32 -10.78 -15.59 -7.59
C SER C 32 -12.13 -15.68 -6.91
N ASN C 33 -12.38 -14.74 -6.00
CA ASN C 33 -13.68 -14.66 -5.34
C ASN C 33 -14.78 -14.22 -6.31
N GLY C 34 -14.36 -13.59 -7.41
CA GLY C 34 -15.29 -13.10 -8.41
C GLY C 34 -15.38 -11.58 -8.38
N ASN C 35 -14.89 -10.98 -7.30
CA ASN C 35 -14.88 -9.54 -7.17
C ASN C 35 -13.59 -8.93 -7.70
N THR C 36 -13.65 -7.67 -8.12
CA THR C 36 -12.45 -6.90 -8.44
C THR C 36 -12.05 -5.99 -7.29
N TYR C 37 -10.90 -6.26 -6.70
CA TYR C 37 -10.42 -5.48 -5.57
C TYR C 37 -9.31 -4.53 -5.99
N LEU C 38 -9.69 -3.45 -6.67
CA LEU C 38 -8.73 -2.44 -7.11
C LEU C 38 -8.80 -1.20 -6.25
N GLU C 39 -7.65 -0.78 -5.72
CA GLU C 39 -7.59 0.33 -4.78
C GLU C 39 -6.86 1.53 -5.38
N TRP C 40 -7.24 2.72 -4.96
CA TRP C 40 -6.48 3.93 -5.28
C TRP C 40 -6.03 4.65 -4.02
N TYR C 41 -4.75 4.98 -3.95
CA TYR C 41 -4.18 5.66 -2.79
C TYR C 41 -3.61 7.02 -3.16
N LEU C 42 -3.82 7.99 -2.29
CA LEU C 42 -3.25 9.32 -2.49
C LEU C 42 -2.06 9.57 -1.57
N GLN C 43 -0.90 9.80 -2.17
CA GLN C 43 0.29 10.20 -1.42
C GLN C 43 0.66 11.65 -1.70
N LYS C 44 0.66 12.46 -0.65
CA LYS C 44 1.07 13.86 -0.76
C LYS C 44 2.55 14.02 -0.41
N PRO C 45 3.16 15.10 -0.92
CA PRO C 45 4.56 15.37 -0.65
C PRO C 45 4.84 15.42 0.85
N GLY C 46 5.72 14.54 1.31
CA GLY C 46 6.13 14.52 2.70
C GLY C 46 5.19 13.66 3.54
N GLN C 47 4.21 13.05 2.88
CA GLN C 47 3.23 12.22 3.56
C GLN C 47 3.26 10.78 3.06
N SER C 48 2.59 9.89 3.78
CA SER C 48 2.39 8.53 3.31
C SER C 48 1.08 8.38 2.56
N PRO C 49 0.98 7.35 1.73
CA PRO C 49 -0.25 7.08 0.99
C PRO C 49 -1.44 6.93 1.92
N LYS C 50 -2.61 7.39 1.47
CA LYS C 50 -3.86 7.18 2.19
C LYS C 50 -4.93 6.62 1.28
N LEU C 51 -5.72 5.69 1.81
CA LEU C 51 -6.78 5.05 1.03
C LEU C 51 -7.91 6.02 0.74
N LEU C 52 -8.24 6.18 -0.53
CA LEU C 52 -9.42 6.91 -0.94
C LEU C 52 -10.49 5.99 -1.51
N ILE C 53 -10.08 5.14 -2.46
CA ILE C 53 -11.01 4.26 -3.15
C ILE C 53 -10.58 2.80 -3.02
N TYR C 54 -11.55 1.92 -2.76
CA TYR C 54 -11.30 0.49 -2.77
C TYR C 54 -12.42 -0.26 -3.49
N LYS C 55 -12.17 -1.51 -3.84
CA LYS C 55 -13.11 -2.29 -4.62
C LYS C 55 -13.64 -1.51 -5.80
N VAL C 56 -12.73 -0.81 -6.49
CA VAL C 56 -13.06 -0.19 -7.77
C VAL C 56 -13.81 1.12 -7.58
N SER C 57 -14.96 1.05 -6.93
CA SER C 57 -15.90 2.17 -6.90
C SER C 57 -16.42 2.41 -5.50
N ASN C 58 -15.91 1.65 -4.53
CA ASN C 58 -16.25 1.85 -3.13
C ASN C 58 -15.41 2.94 -2.50
N ARG C 59 -16.04 3.76 -1.67
CA ARG C 59 -15.37 4.91 -1.07
C ARG C 59 -15.07 4.67 0.40
N PHE C 60 -13.83 4.90 0.79
CA PHE C 60 -13.41 4.73 2.18
C PHE C 60 -14.07 5.75 3.08
N SER C 61 -14.38 5.34 4.30
CA SER C 61 -15.05 6.21 5.26
C SER C 61 -14.24 7.48 5.51
N GLY C 62 -14.88 8.63 5.35
CA GLY C 62 -14.23 9.91 5.57
C GLY C 62 -13.76 10.53 4.26
N VAL C 63 -13.95 9.80 3.17
CA VAL C 63 -13.52 10.26 1.85
C VAL C 63 -14.68 10.94 1.12
N PRO C 64 -14.43 12.16 0.64
CA PRO C 64 -15.43 12.91 -0.11
C PRO C 64 -15.94 12.11 -1.30
N ASP C 65 -17.20 12.34 -1.65
CA ASP C 65 -17.85 11.57 -2.71
C ASP C 65 -17.35 11.99 -4.09
N ARG C 66 -16.49 13.00 -4.12
CA ARG C 66 -15.87 13.45 -5.35
C ARG C 66 -15.04 12.33 -5.98
N PHE C 67 -14.58 11.40 -5.15
CA PHE C 67 -13.72 10.31 -5.62
C PHE C 67 -14.54 9.10 -6.03
N SER C 68 -14.25 8.57 -7.20
CA SER C 68 -14.86 7.32 -7.66
C SER C 68 -14.07 6.70 -8.79
N GLY C 69 -13.89 5.39 -8.74
CA GLY C 69 -13.20 4.66 -9.80
C GLY C 69 -14.18 4.00 -10.74
N SER C 70 -13.68 3.51 -11.87
CA SER C 70 -14.51 2.79 -12.83
C SER C 70 -13.65 1.93 -13.77
N GLY C 71 -14.29 1.36 -14.78
CA GLY C 71 -13.59 0.49 -15.73
C GLY C 71 -13.80 -0.97 -15.40
N SER C 72 -13.05 -1.83 -16.08
CA SER C 72 -13.22 -3.28 -15.93
C SER C 72 -12.16 -4.04 -16.73
N GLY C 73 -11.80 -5.22 -16.23
CA GLY C 73 -10.82 -6.06 -16.92
C GLY C 73 -9.40 -5.66 -16.57
N THR C 74 -8.75 -4.96 -17.49
CA THR C 74 -7.39 -4.46 -17.27
C THR C 74 -7.36 -2.95 -17.31
N ASP C 75 -8.38 -2.34 -17.92
CA ASP C 75 -8.42 -0.90 -18.12
C ASP C 75 -9.36 -0.23 -17.12
N PHE C 76 -8.80 0.52 -16.19
CA PHE C 76 -9.59 1.17 -15.14
C PHE C 76 -9.36 2.66 -15.13
N THR C 77 -10.27 3.40 -14.49
CA THR C 77 -10.21 4.86 -14.50
C THR C 77 -10.46 5.42 -13.10
N LEU C 78 -9.58 6.32 -12.67
CA LEU C 78 -9.82 7.11 -11.47
C LEU C 78 -10.49 8.44 -11.82
N LYS C 79 -11.74 8.59 -11.42
CA LYS C 79 -12.48 9.82 -11.67
C LYS C 79 -12.58 10.69 -10.42
N ILE C 80 -12.29 11.98 -10.59
CA ILE C 80 -12.41 12.94 -9.49
C ILE C 80 -13.22 14.16 -9.92
N SER C 81 -14.44 14.26 -9.43
CA SER C 81 -15.42 15.20 -9.99
C SER C 81 -15.08 16.63 -9.61
N ARG C 82 -14.42 16.80 -8.46
CA ARG C 82 -14.13 18.13 -7.94
C ARG C 82 -12.71 18.21 -7.38
N VAL C 83 -11.75 18.38 -8.28
CA VAL C 83 -10.35 18.49 -7.89
C VAL C 83 -10.03 19.86 -7.31
N GLU C 84 -9.68 19.89 -6.03
CA GLU C 84 -9.23 21.12 -5.39
C GLU C 84 -7.74 21.05 -5.06
N ALA C 85 -7.21 22.13 -4.51
CA ALA C 85 -5.81 22.17 -4.09
C ALA C 85 -5.53 21.12 -3.01
N ASP C 86 -6.58 20.73 -2.29
CA ASP C 86 -6.45 19.74 -1.23
C ASP C 86 -6.41 18.32 -1.80
N ASP C 87 -6.72 18.20 -3.08
CA ASP C 87 -6.70 16.91 -3.76
C ASP C 87 -5.43 16.71 -4.56
N VAL C 88 -4.52 17.67 -4.44
CA VAL C 88 -3.25 17.61 -5.16
C VAL C 88 -2.32 16.57 -4.54
N GLY C 89 -1.68 15.78 -5.40
CA GLY C 89 -0.77 14.73 -4.95
C GLY C 89 -0.68 13.60 -5.96
N VAL C 90 0.07 12.56 -5.62
CA VAL C 90 0.31 11.45 -6.52
C VAL C 90 -0.59 10.26 -6.20
N TYR C 91 -1.37 9.83 -7.17
CA TYR C 91 -2.30 8.72 -7.00
C TYR C 91 -1.69 7.40 -7.49
N TYR C 92 -1.84 6.35 -6.69
CA TYR C 92 -1.33 5.03 -7.05
C TYR C 92 -2.47 4.04 -7.22
N CYS C 93 -2.31 3.12 -8.17
CA CYS C 93 -3.34 2.13 -8.45
C CYS C 93 -2.88 0.72 -8.07
N TYR C 94 -3.48 0.17 -7.03
CA TYR C 94 -2.95 -1.02 -6.38
C TYR C 94 -3.91 -2.20 -6.53
N GLN C 95 -3.37 -3.34 -6.95
CA GLN C 95 -4.15 -4.56 -7.07
C GLN C 95 -3.74 -5.59 -6.03
N GLY C 96 -4.72 -6.14 -5.32
CA GLY C 96 -4.44 -7.08 -4.24
C GLY C 96 -4.97 -8.48 -4.59
N SER C 97 -4.90 -8.81 -5.88
CA SER C 97 -5.44 -10.08 -6.36
C SER C 97 -4.32 -11.07 -6.67
N HIS C 98 -3.21 -10.56 -7.18
CA HIS C 98 -2.12 -11.42 -7.63
C HIS C 98 -0.88 -11.22 -6.75
N VAL C 99 -0.38 -12.31 -6.19
CA VAL C 99 0.89 -12.29 -5.46
C VAL C 99 2.06 -12.53 -6.39
N PRO C 100 3.07 -11.66 -6.29
CA PRO C 100 3.09 -10.62 -5.28
C PRO C 100 2.25 -9.42 -5.71
N TYR C 101 1.58 -8.79 -4.76
CA TYR C 101 0.76 -7.62 -5.03
C TYR C 101 1.58 -6.49 -5.61
N THR C 102 0.95 -5.67 -6.46
CA THR C 102 1.66 -4.64 -7.20
C THR C 102 0.92 -3.31 -7.15
N PHE C 103 1.67 -2.21 -7.23
CA PHE C 103 1.08 -0.89 -7.28
C PHE C 103 1.13 -0.30 -8.69
N GLY C 104 0.51 0.86 -8.85
CA GLY C 104 0.45 1.51 -10.16
C GLY C 104 1.70 2.36 -10.41
N GLY C 105 1.81 2.91 -11.60
CA GLY C 105 2.97 3.73 -11.97
C GLY C 105 3.00 5.03 -11.18
N GLY C 106 1.85 5.66 -11.04
CA GLY C 106 1.72 6.88 -10.26
C GLY C 106 1.43 8.08 -11.16
N THR C 107 0.34 8.78 -10.86
CA THR C 107 -0.01 10.00 -11.58
C THR C 107 -0.07 11.19 -10.63
N LYS C 108 0.73 12.21 -10.91
CA LYS C 108 0.67 13.45 -10.15
C LYS C 108 -0.47 14.34 -10.61
N LEU C 109 -1.49 14.48 -9.76
CA LEU C 109 -2.60 15.38 -10.03
C LEU C 109 -2.36 16.74 -9.41
N GLU C 110 -2.39 17.78 -10.23
CA GLU C 110 -1.97 19.11 -9.81
C GLU C 110 -2.88 20.19 -10.40
N ILE C 111 -2.88 21.36 -9.76
CA ILE C 111 -3.66 22.49 -10.27
C ILE C 111 -2.80 23.40 -11.14
#